data_9Q8J
#
_entry.id   9Q8J
#
_cell.length_a   1.00
_cell.length_b   1.00
_cell.length_c   1.00
_cell.angle_alpha   90.00
_cell.angle_beta   90.00
_cell.angle_gamma   90.00
#
_symmetry.space_group_name_H-M   'P 1'
#
_entity_poly.entity_id   1
_entity_poly.type   'polypeptide(L)'
_entity_poly.pdbx_seq_one_letter_code
;MNTVVGRRIINGRRRPRRQTRRAQRPQPVVVVQTSRATQRRPRRRRRGNNRTGRTVPTRGAGSSETFVFSKDNLAGSSSG
AITFGPSLSDCPAFSNGMLKAYHEYKISMVILEFVSEASSQNSGSIAYELDPHCKLNSLSSTINKFGITKPGKRAFTASY
INGTEWHDVAEDQFRILYKGNGSSSIAGSFRITIKCQFHNPK
;
_entity_poly.pdbx_strand_id   A,B,C
#
# COMPACT_ATOMS: atom_id res chain seq x y z
N SER A 64 17.71 -12.78 4.47
CA SER A 64 17.56 -12.35 3.09
C SER A 64 18.10 -13.38 2.11
N GLU A 65 17.20 -14.15 1.50
CA GLU A 65 17.59 -15.14 0.53
C GLU A 65 17.93 -14.50 -0.81
N THR A 66 18.55 -15.28 -1.68
CA THR A 66 18.95 -14.84 -3.01
C THR A 66 18.49 -15.88 -4.01
N PHE A 67 17.93 -15.43 -5.14
CA PHE A 67 17.44 -16.34 -6.16
C PHE A 67 17.98 -15.90 -7.51
N VAL A 68 18.70 -16.79 -8.16
CA VAL A 68 19.25 -16.54 -9.49
C VAL A 68 18.50 -17.42 -10.47
N PHE A 69 17.94 -16.83 -11.52
CA PHE A 69 17.29 -17.60 -12.56
C PHE A 69 17.58 -16.95 -13.90
N SER A 70 17.08 -17.56 -14.96
CA SER A 70 17.43 -17.11 -16.30
C SER A 70 16.28 -17.31 -17.25
N LYS A 71 15.97 -16.27 -18.00
CA LYS A 71 15.05 -16.35 -19.13
C LYS A 71 15.91 -16.55 -20.37
N ASP A 72 15.81 -17.73 -20.96
CA ASP A 72 16.74 -18.15 -22.00
C ASP A 72 16.13 -18.01 -23.39
N ASN A 73 17.00 -18.08 -24.39
CA ASN A 73 16.60 -18.11 -25.81
C ASN A 73 15.71 -16.93 -26.17
N LEU A 74 16.03 -15.76 -25.63
CA LEU A 74 15.31 -14.54 -26.00
C LEU A 74 15.64 -14.20 -27.45
N ALA A 75 14.70 -14.42 -28.34
CA ALA A 75 14.89 -14.01 -29.72
C ALA A 75 14.98 -12.49 -29.80
N GLY A 76 15.57 -12.01 -30.89
CA GLY A 76 15.75 -10.58 -31.06
C GLY A 76 14.45 -9.81 -31.10
N SER A 77 13.35 -10.45 -31.46
CA SER A 77 12.04 -9.83 -31.48
C SER A 77 11.16 -10.27 -30.32
N SER A 78 11.75 -10.88 -29.28
CA SER A 78 10.96 -11.35 -28.16
C SER A 78 10.32 -10.19 -27.42
N SER A 79 9.02 -10.33 -27.13
CA SER A 79 8.28 -9.36 -26.35
C SER A 79 7.49 -10.10 -25.30
N GLY A 80 7.60 -9.66 -24.05
CA GLY A 80 6.92 -10.34 -22.97
C GLY A 80 7.18 -9.66 -21.66
N ALA A 81 6.71 -10.30 -20.60
CA ALA A 81 6.80 -9.77 -19.24
C ALA A 81 7.28 -10.85 -18.29
N ILE A 82 8.11 -10.44 -17.33
CA ILE A 82 8.57 -11.29 -16.24
C ILE A 82 8.01 -10.68 -14.97
N THR A 83 7.06 -11.36 -14.35
CA THR A 83 6.37 -10.82 -13.18
C THR A 83 6.95 -11.46 -11.92
N PHE A 84 7.36 -10.63 -10.97
CA PHE A 84 8.11 -11.09 -9.81
C PHE A 84 7.17 -11.30 -8.64
N GLY A 85 6.89 -12.55 -8.33
CA GLY A 85 5.94 -12.92 -7.31
C GLY A 85 5.45 -14.34 -7.52
N PRO A 86 4.21 -14.62 -7.13
CA PRO A 86 3.66 -15.96 -7.36
C PRO A 86 3.52 -16.31 -8.82
N SER A 87 3.57 -15.33 -9.72
CA SER A 87 3.46 -15.58 -11.14
C SER A 87 4.82 -15.83 -11.80
N LEU A 88 5.88 -15.94 -11.01
CA LEU A 88 7.23 -16.13 -11.53
C LEU A 88 7.44 -17.62 -11.80
N SER A 89 6.84 -18.08 -12.91
CA SER A 89 7.02 -19.47 -13.31
C SER A 89 8.45 -19.79 -13.70
N ASP A 90 9.25 -18.79 -14.08
CA ASP A 90 10.62 -19.01 -14.49
C ASP A 90 11.50 -19.51 -13.35
N CYS A 91 11.08 -19.34 -12.11
CA CYS A 91 11.80 -19.82 -10.94
C CYS A 91 10.81 -20.58 -10.07
N PRO A 92 10.57 -21.86 -10.36
CA PRO A 92 9.63 -22.64 -9.55
C PRO A 92 10.01 -22.73 -8.09
N ALA A 93 11.30 -22.58 -7.76
CA ALA A 93 11.70 -22.53 -6.37
C ALA A 93 11.25 -21.27 -5.66
N PHE A 94 10.74 -20.28 -6.40
CA PHE A 94 10.26 -19.04 -5.80
C PHE A 94 8.74 -18.97 -5.82
N SER A 95 8.12 -19.13 -7.00
CA SER A 95 6.67 -19.09 -7.08
C SER A 95 6.04 -20.30 -6.42
N ASN A 96 6.54 -21.49 -6.72
CA ASN A 96 6.03 -22.72 -6.14
C ASN A 96 6.86 -23.18 -4.95
N GLY A 97 7.88 -22.42 -4.56
CA GLY A 97 8.73 -22.78 -3.45
C GLY A 97 8.46 -21.95 -2.21
N MET A 98 9.27 -20.92 -2.01
CA MET A 98 9.19 -20.13 -0.78
C MET A 98 7.83 -19.47 -0.61
N LEU A 99 7.27 -18.93 -1.69
CA LEU A 99 6.01 -18.19 -1.58
C LEU A 99 4.88 -19.09 -1.09
N LYS A 100 4.85 -20.34 -1.54
CA LYS A 100 3.76 -21.23 -1.18
C LYS A 100 3.69 -21.51 0.32
N ALA A 101 4.76 -21.22 1.06
CA ALA A 101 4.79 -21.53 2.49
C ALA A 101 5.08 -20.31 3.35
N TYR A 102 4.72 -19.11 2.88
CA TYR A 102 4.95 -17.89 3.64
C TYR A 102 3.78 -16.95 3.45
N HIS A 103 3.73 -15.91 4.29
CA HIS A 103 2.71 -14.89 4.21
C HIS A 103 3.17 -13.62 3.51
N GLU A 104 4.36 -13.13 3.85
CA GLU A 104 4.85 -11.86 3.35
C GLU A 104 6.24 -12.03 2.75
N TYR A 105 6.55 -11.19 1.77
CA TYR A 105 7.85 -11.17 1.15
C TYR A 105 8.07 -9.80 0.52
N LYS A 106 9.32 -9.35 0.51
CA LYS A 106 9.69 -8.17 -0.25
C LYS A 106 10.97 -8.46 -1.01
N ILE A 107 10.98 -8.10 -2.28
CA ILE A 107 12.14 -8.31 -3.14
C ILE A 107 12.99 -7.06 -3.02
N SER A 108 14.05 -7.13 -2.20
CA SER A 108 14.79 -5.92 -1.85
C SER A 108 15.61 -5.42 -3.03
N MET A 109 16.23 -6.31 -3.80
CA MET A 109 17.09 -5.85 -4.88
C MET A 109 16.93 -6.74 -6.10
N VAL A 110 17.11 -6.17 -7.28
CA VAL A 110 17.05 -6.91 -8.53
C VAL A 110 18.28 -6.57 -9.35
N ILE A 111 18.94 -7.60 -9.89
CA ILE A 111 20.09 -7.44 -10.76
C ILE A 111 19.77 -8.14 -12.07
N LEU A 112 19.51 -7.36 -13.12
CA LEU A 112 19.13 -7.89 -14.42
C LEU A 112 20.32 -7.73 -15.36
N GLU A 113 20.86 -8.85 -15.82
CA GLU A 113 22.00 -8.83 -16.73
C GLU A 113 21.61 -9.49 -18.05
N PHE A 114 21.90 -8.80 -19.15
CA PHE A 114 21.69 -9.35 -20.47
C PHE A 114 23.01 -9.98 -20.92
N VAL A 115 23.01 -11.31 -21.04
CA VAL A 115 24.14 -12.03 -21.60
C VAL A 115 23.90 -12.18 -23.09
N SER A 116 24.86 -11.73 -23.88
CA SER A 116 24.68 -11.57 -25.32
C SER A 116 25.21 -12.82 -26.03
N GLU A 117 24.29 -13.66 -26.48
CA GLU A 117 24.62 -14.82 -27.30
C GLU A 117 24.44 -14.54 -28.78
N ALA A 118 24.09 -13.31 -29.14
CA ALA A 118 23.76 -12.98 -30.52
C ALA A 118 25.02 -12.84 -31.36
N SER A 119 24.93 -13.29 -32.60
CA SER A 119 25.98 -13.03 -33.57
C SER A 119 26.06 -11.55 -33.88
N SER A 120 27.27 -11.08 -34.18
CA SER A 120 27.47 -9.66 -34.45
C SER A 120 26.82 -9.21 -35.76
N GLN A 121 26.11 -10.09 -36.45
CA GLN A 121 25.34 -9.72 -37.63
C GLN A 121 23.86 -9.54 -37.32
N ASN A 122 23.48 -9.52 -36.05
CA ASN A 122 22.10 -9.30 -35.64
C ASN A 122 21.95 -7.87 -35.14
N SER A 123 21.10 -7.10 -35.82
CA SER A 123 20.87 -5.71 -35.48
C SER A 123 19.57 -5.60 -34.68
N GLY A 124 19.62 -4.89 -33.58
CA GLY A 124 18.44 -4.69 -32.76
C GLY A 124 18.82 -4.49 -31.31
N SER A 125 17.81 -4.19 -30.51
CA SER A 125 18.00 -3.95 -29.10
C SER A 125 16.78 -4.41 -28.34
N ILE A 126 17.00 -4.82 -27.09
CA ILE A 126 15.92 -5.24 -26.20
C ILE A 126 15.68 -4.10 -25.23
N ALA A 127 14.50 -3.50 -25.30
CA ALA A 127 14.10 -2.44 -24.39
C ALA A 127 13.38 -3.06 -23.19
N TYR A 128 13.79 -2.66 -21.99
CA TYR A 128 13.25 -3.20 -20.76
C TYR A 128 12.64 -2.07 -19.95
N GLU A 129 11.41 -2.27 -19.50
CA GLU A 129 10.69 -1.31 -18.68
C GLU A 129 10.33 -1.98 -17.37
N LEU A 130 10.69 -1.33 -16.26
CA LEU A 130 10.44 -1.87 -14.93
C LEU A 130 9.16 -1.23 -14.40
N ASP A 131 8.05 -1.97 -14.46
CA ASP A 131 6.78 -1.47 -13.96
C ASP A 131 6.62 -1.92 -12.52
N PRO A 132 6.66 -1.01 -11.54
CA PRO A 132 6.60 -1.42 -10.13
C PRO A 132 5.19 -1.70 -9.61
N HIS A 133 4.19 -1.82 -10.47
CA HIS A 133 2.83 -2.02 -9.99
C HIS A 133 2.04 -3.03 -10.82
N CYS A 134 2.67 -3.70 -11.78
CA CYS A 134 2.01 -4.69 -12.62
C CYS A 134 0.80 -4.11 -13.34
N LYS A 135 0.93 -2.85 -13.78
CA LYS A 135 -0.17 -2.17 -14.45
C LYS A 135 -0.07 -2.19 -15.97
N LEU A 136 1.00 -2.75 -16.52
CA LEU A 136 1.20 -2.82 -17.97
C LEU A 136 1.42 -4.26 -18.40
N ASN A 137 0.78 -4.64 -19.50
CA ASN A 137 0.97 -5.96 -20.09
C ASN A 137 1.97 -5.97 -21.24
N SER A 138 2.47 -4.81 -21.64
CA SER A 138 3.40 -4.70 -22.74
C SER A 138 4.23 -3.43 -22.53
N LEU A 139 5.46 -3.46 -23.05
CA LEU A 139 6.36 -2.33 -22.88
C LEU A 139 5.87 -1.13 -23.67
N SER A 140 5.96 0.04 -23.04
CA SER A 140 5.64 1.31 -23.68
C SER A 140 6.80 2.27 -23.73
N SER A 141 7.72 2.21 -22.76
CA SER A 141 8.88 3.08 -22.70
C SER A 141 10.04 2.38 -23.41
N THR A 142 10.49 2.96 -24.53
CA THR A 142 11.58 2.42 -25.32
C THR A 142 12.89 3.14 -25.06
N ILE A 143 13.12 3.56 -23.83
CA ILE A 143 14.26 4.40 -23.47
C ILE A 143 15.41 3.57 -22.92
N ASN A 144 15.13 2.70 -21.95
CA ASN A 144 16.15 1.82 -21.39
C ASN A 144 16.23 0.59 -22.27
N LYS A 145 17.43 0.27 -22.75
CA LYS A 145 17.57 -0.87 -23.64
C LYS A 145 19.03 -1.33 -23.69
N PHE A 146 19.20 -2.62 -23.99
CA PHE A 146 20.51 -3.20 -24.26
C PHE A 146 20.60 -3.56 -25.74
N GLY A 147 21.68 -3.16 -26.38
CA GLY A 147 21.97 -3.69 -27.71
C GLY A 147 22.17 -5.19 -27.64
N ILE A 148 21.51 -5.95 -28.51
CA ILE A 148 21.50 -7.40 -28.35
C ILE A 148 22.86 -8.02 -28.62
N THR A 149 23.81 -7.27 -29.18
CA THR A 149 25.15 -7.78 -29.38
C THR A 149 26.11 -7.39 -28.26
N LYS A 150 25.63 -6.72 -27.22
CA LYS A 150 26.48 -6.26 -26.14
C LYS A 150 25.94 -6.72 -24.79
N PRO A 151 26.81 -7.22 -23.92
CA PRO A 151 26.37 -7.56 -22.57
C PRO A 151 25.95 -6.32 -21.81
N GLY A 152 24.97 -6.48 -20.92
CA GLY A 152 24.46 -5.36 -20.17
C GLY A 152 24.12 -5.77 -18.75
N LYS A 153 24.02 -4.77 -17.89
CA LYS A 153 23.73 -5.02 -16.49
C LYS A 153 23.02 -3.81 -15.90
N ARG A 154 21.97 -4.06 -15.14
CA ARG A 154 21.19 -3.00 -14.50
C ARG A 154 20.77 -3.46 -13.12
N ALA A 155 21.04 -2.63 -12.11
CA ALA A 155 20.71 -2.96 -10.73
C ALA A 155 19.63 -2.01 -10.24
N PHE A 156 18.49 -2.58 -9.86
CA PHE A 156 17.39 -1.83 -9.27
C PHE A 156 17.39 -2.08 -7.76
N THR A 157 17.35 -1.00 -6.99
CA THR A 157 17.34 -1.09 -5.55
C THR A 157 15.89 -1.15 -5.05
N ALA A 158 15.71 -1.05 -3.73
CA ALA A 158 14.40 -1.28 -3.14
C ALA A 158 13.37 -0.24 -3.58
N SER A 159 13.76 1.03 -3.59
CA SER A 159 12.80 2.09 -3.88
C SER A 159 12.32 2.06 -5.31
N TYR A 160 13.13 1.53 -6.24
CA TYR A 160 12.75 1.53 -7.63
C TYR A 160 11.78 0.41 -7.98
N ILE A 161 11.63 -0.59 -7.12
CA ILE A 161 10.88 -1.78 -7.46
C ILE A 161 9.71 -2.03 -6.51
N ASN A 162 9.24 -0.98 -5.83
CA ASN A 162 8.12 -1.10 -4.90
C ASN A 162 8.41 -2.13 -3.81
N GLY A 163 9.66 -2.14 -3.35
CA GLY A 163 10.12 -3.23 -2.50
C GLY A 163 10.53 -2.84 -1.09
N THR A 164 9.76 -1.98 -0.44
CA THR A 164 10.02 -1.62 0.94
C THR A 164 8.90 -1.95 1.91
N GLU A 165 7.75 -2.41 1.42
CA GLU A 165 6.68 -2.90 2.26
C GLU A 165 6.31 -4.31 1.86
N TRP A 166 6.08 -5.17 2.85
CA TRP A 166 5.81 -6.58 2.59
C TRP A 166 4.51 -6.76 1.81
N HIS A 167 4.50 -7.74 0.92
CA HIS A 167 3.34 -8.02 0.10
C HIS A 167 2.85 -9.44 0.36
N ASP A 168 1.57 -9.65 0.13
CA ASP A 168 1.02 -11.00 0.22
C ASP A 168 1.57 -11.86 -0.91
N VAL A 169 1.72 -13.15 -0.62
CA VAL A 169 2.39 -14.07 -1.53
C VAL A 169 1.48 -14.43 -2.70
N ALA A 170 0.31 -13.80 -2.77
CA ALA A 170 -0.61 -14.03 -3.87
C ALA A 170 -0.57 -12.93 -4.93
N GLU A 171 -0.02 -11.76 -4.61
CA GLU A 171 0.02 -10.64 -5.54
C GLU A 171 1.46 -10.30 -5.91
N ASP A 172 1.70 -10.08 -7.19
CA ASP A 172 3.04 -9.80 -7.69
C ASP A 172 3.51 -8.43 -7.23
N GLN A 173 4.79 -8.33 -6.90
CA GLN A 173 5.35 -7.06 -6.46
C GLN A 173 5.52 -6.10 -7.63
N PHE A 174 6.07 -6.58 -8.74
CA PHE A 174 6.30 -5.73 -9.90
C PHE A 174 6.53 -6.64 -11.11
N ARG A 175 6.90 -6.02 -12.23
CA ARG A 175 7.24 -6.81 -13.41
C ARG A 175 8.25 -6.05 -14.25
N ILE A 176 8.94 -6.80 -15.10
CA ILE A 176 9.89 -6.27 -16.07
C ILE A 176 9.41 -6.69 -17.44
N LEU A 177 9.13 -5.72 -18.29
CA LEU A 177 8.63 -5.99 -19.62
C LEU A 177 9.76 -5.77 -20.61
N TYR A 178 10.06 -6.78 -21.40
CA TYR A 178 11.12 -6.70 -22.39
C TYR A 178 10.53 -6.78 -23.78
N LYS A 179 11.10 -6.04 -24.71
CA LYS A 179 10.60 -6.01 -26.08
C LYS A 179 11.78 -5.73 -27.00
N GLY A 180 12.06 -6.66 -27.91
CA GLY A 180 13.15 -6.53 -28.85
C GLY A 180 12.64 -6.18 -30.23
N ASN A 181 13.46 -5.44 -30.98
CA ASN A 181 13.13 -5.06 -32.35
C ASN A 181 14.10 -5.68 -33.36
N GLY A 182 14.87 -6.68 -32.95
CA GLY A 182 15.84 -7.31 -33.82
C GLY A 182 15.24 -8.43 -34.65
N SER A 183 16.13 -9.22 -35.24
CA SER A 183 15.71 -10.34 -36.07
C SER A 183 15.33 -11.54 -35.20
N SER A 184 14.72 -12.54 -35.83
CA SER A 184 14.14 -13.66 -35.10
C SER A 184 15.17 -14.60 -34.49
N SER A 185 16.45 -14.45 -34.81
CA SER A 185 17.47 -15.35 -34.29
C SER A 185 17.64 -15.13 -32.79
N ILE A 186 18.36 -16.07 -32.16
CA ILE A 186 18.56 -16.00 -30.71
C ILE A 186 19.47 -14.83 -30.39
N ALA A 187 19.01 -13.96 -29.51
CA ALA A 187 19.72 -12.73 -29.20
C ALA A 187 20.41 -12.72 -27.84
N GLY A 188 20.10 -13.66 -26.98
CA GLY A 188 20.77 -13.75 -25.70
C GLY A 188 19.83 -14.23 -24.63
N SER A 189 20.23 -14.00 -23.39
CA SER A 189 19.46 -14.45 -22.24
C SER A 189 19.48 -13.40 -21.15
N PHE A 190 18.48 -13.45 -20.29
CA PHE A 190 18.40 -12.59 -19.12
C PHE A 190 18.76 -13.40 -17.89
N ARG A 191 19.81 -13.00 -17.19
CA ARG A 191 20.12 -13.56 -15.89
C ARG A 191 19.62 -12.59 -14.83
N ILE A 192 18.68 -13.04 -14.02
CA ILE A 192 18.01 -12.19 -13.04
C ILE A 192 18.34 -12.71 -11.66
N THR A 193 18.94 -11.86 -10.84
CA THR A 193 19.31 -12.18 -9.46
C THR A 193 18.48 -11.29 -8.55
N ILE A 194 17.51 -11.87 -7.87
CA ILE A 194 16.66 -11.13 -6.95
C ILE A 194 17.11 -11.46 -5.52
N LYS A 195 17.51 -10.44 -4.79
CA LYS A 195 17.79 -10.55 -3.37
C LYS A 195 16.50 -10.22 -2.64
N CYS A 196 15.89 -11.22 -2.01
CA CYS A 196 14.56 -11.14 -1.43
C CYS A 196 14.64 -11.40 0.06
N GLN A 197 13.54 -11.09 0.74
CA GLN A 197 13.39 -11.36 2.16
C GLN A 197 12.02 -11.95 2.41
N PHE A 198 11.92 -12.78 3.44
CA PHE A 198 10.67 -13.46 3.75
C PHE A 198 10.35 -13.30 5.23
N HIS A 199 9.07 -13.39 5.54
CA HIS A 199 8.58 -12.99 6.85
C HIS A 199 7.33 -13.79 7.18
N ASN A 200 7.04 -13.88 8.48
CA ASN A 200 5.83 -14.53 8.98
C ASN A 200 5.68 -15.93 8.42
N PRO A 201 6.48 -16.89 8.89
CA PRO A 201 6.41 -18.24 8.32
C PRO A 201 5.03 -18.85 8.51
N LYS A 202 4.60 -19.62 7.52
CA LYS A 202 3.33 -20.33 7.61
C LYS A 202 3.49 -21.58 8.44
N SER B 64 12.75 15.98 -7.74
CA SER B 64 11.77 16.69 -6.92
C SER B 64 11.44 18.05 -7.53
N GLU B 65 10.28 18.59 -7.15
CA GLU B 65 9.86 19.90 -7.63
C GLU B 65 8.78 20.42 -6.69
N THR B 66 8.49 21.71 -6.81
CA THR B 66 7.48 22.38 -6.02
C THR B 66 6.53 23.10 -6.96
N PHE B 67 5.36 22.54 -7.19
CA PHE B 67 4.40 23.09 -8.13
C PHE B 67 3.34 23.88 -7.39
N VAL B 68 3.15 25.13 -7.79
CA VAL B 68 2.12 26.00 -7.23
C VAL B 68 1.05 26.18 -8.30
N PHE B 69 -0.18 25.79 -7.98
CA PHE B 69 -1.29 26.00 -8.88
C PHE B 69 -2.44 26.61 -8.09
N SER B 70 -3.55 26.85 -8.78
CA SER B 70 -4.63 27.62 -8.17
C SER B 70 -5.98 27.09 -8.62
N LYS B 71 -6.93 27.10 -7.70
CA LYS B 71 -8.34 26.85 -7.97
C LYS B 71 -9.06 28.15 -7.66
N ASP B 72 -9.47 28.87 -8.71
CA ASP B 72 -9.92 30.24 -8.58
C ASP B 72 -11.41 30.36 -8.79
N ASN B 73 -11.93 31.55 -8.48
CA ASN B 73 -13.34 31.89 -8.66
C ASN B 73 -14.25 30.95 -7.87
N LEU B 74 -13.86 30.66 -6.63
CA LEU B 74 -14.65 29.82 -5.74
C LEU B 74 -15.74 30.65 -5.11
N ALA B 75 -16.99 30.45 -5.54
CA ALA B 75 -18.11 31.10 -4.88
C ALA B 75 -18.22 30.59 -3.46
N GLY B 76 -18.90 31.38 -2.62
CA GLY B 76 -18.99 31.03 -1.21
C GLY B 76 -19.61 29.67 -0.96
N SER B 77 -20.47 29.22 -1.88
CA SER B 77 -21.13 27.94 -1.74
C SER B 77 -20.61 26.88 -2.71
N SER B 78 -19.50 27.17 -3.39
CA SER B 78 -18.96 26.21 -4.35
C SER B 78 -18.41 24.99 -3.63
N SER B 79 -18.63 23.81 -4.22
CA SER B 79 -18.12 22.56 -3.70
C SER B 79 -17.36 21.84 -4.81
N GLY B 80 -16.38 21.04 -4.41
CA GLY B 80 -15.59 20.33 -5.39
C GLY B 80 -14.57 19.43 -4.72
N ALA B 81 -13.79 18.76 -5.56
CA ALA B 81 -12.74 17.86 -5.12
C ALA B 81 -11.48 18.12 -5.92
N ILE B 82 -10.35 18.16 -5.25
CA ILE B 82 -9.05 18.37 -5.85
C ILE B 82 -8.31 17.05 -5.75
N THR B 83 -8.30 16.28 -6.83
CA THR B 83 -7.68 14.96 -6.84
C THR B 83 -6.23 15.12 -7.29
N PHE B 84 -5.30 14.88 -6.37
CA PHE B 84 -3.89 15.10 -6.66
C PHE B 84 -3.31 13.87 -7.35
N GLY B 85 -3.09 14.00 -8.65
CA GLY B 85 -2.65 12.90 -9.48
C GLY B 85 -3.04 13.13 -10.93
N PRO B 86 -3.32 12.05 -11.65
CA PRO B 86 -3.68 12.20 -13.06
C PRO B 86 -4.97 12.96 -13.30
N SER B 87 -5.83 13.08 -12.29
CA SER B 87 -7.09 13.79 -12.43
C SER B 87 -6.96 15.28 -12.13
N LEU B 88 -5.77 15.75 -11.76
CA LEU B 88 -5.57 17.15 -11.37
C LEU B 88 -5.41 17.98 -12.63
N SER B 89 -6.56 18.36 -13.21
CA SER B 89 -6.54 19.13 -14.46
C SER B 89 -6.09 20.56 -14.25
N ASP B 90 -6.05 21.04 -13.00
CA ASP B 90 -5.74 22.45 -12.75
C ASP B 90 -4.33 22.81 -13.19
N CYS B 91 -3.36 21.93 -12.96
CA CYS B 91 -1.97 22.23 -13.26
C CYS B 91 -1.50 21.42 -14.45
N PRO B 92 -1.41 22.01 -15.66
CA PRO B 92 -0.85 21.26 -16.79
C PRO B 92 0.60 20.90 -16.60
N ALA B 93 1.34 21.63 -15.75
CA ALA B 93 2.73 21.32 -15.49
C ALA B 93 2.91 20.04 -14.68
N PHE B 94 1.83 19.48 -14.15
CA PHE B 94 1.88 18.24 -13.38
C PHE B 94 1.14 17.11 -14.08
N SER B 95 -0.14 17.31 -14.39
CA SER B 95 -0.95 16.22 -14.94
C SER B 95 -0.47 15.82 -16.33
N ASN B 96 -0.32 16.78 -17.23
CA ASN B 96 0.12 16.50 -18.59
C ASN B 96 1.64 16.52 -18.72
N GLY B 97 2.35 16.91 -17.66
CA GLY B 97 3.79 17.07 -17.71
C GLY B 97 4.53 15.97 -16.98
N MET B 98 4.92 16.26 -15.74
CA MET B 98 5.78 15.35 -14.99
C MET B 98 5.14 13.99 -14.78
N LEU B 99 3.81 13.93 -14.64
CA LEU B 99 3.16 12.63 -14.48
C LEU B 99 3.31 11.76 -15.71
N LYS B 100 3.58 12.35 -16.86
CA LYS B 100 3.84 11.59 -18.07
C LYS B 100 5.33 11.54 -18.40
N ALA B 101 6.18 11.94 -17.47
CA ALA B 101 7.62 11.84 -17.61
C ALA B 101 8.25 10.93 -16.57
N TYR B 102 7.44 10.22 -15.79
CA TYR B 102 7.95 9.35 -14.74
C TYR B 102 6.94 8.24 -14.47
N HIS B 103 7.41 7.19 -13.81
CA HIS B 103 6.55 6.08 -13.43
C HIS B 103 5.99 6.24 -12.02
N GLU B 104 6.86 6.47 -11.05
CA GLU B 104 6.47 6.63 -9.66
C GLU B 104 6.51 8.09 -9.26
N TYR B 105 5.73 8.44 -8.25
CA TYR B 105 5.75 9.79 -7.70
C TYR B 105 5.14 9.76 -6.31
N LYS B 106 5.45 10.77 -5.53
CA LYS B 106 4.82 10.97 -4.23
C LYS B 106 4.82 12.46 -3.93
N ILE B 107 3.75 12.93 -3.30
CA ILE B 107 3.62 14.35 -2.96
C ILE B 107 4.02 14.45 -1.49
N SER B 108 5.31 14.74 -1.27
CA SER B 108 5.84 14.73 0.08
C SER B 108 5.33 15.87 0.95
N MET B 109 4.72 16.90 0.36
CA MET B 109 4.13 17.93 1.19
C MET B 109 3.06 18.68 0.41
N VAL B 110 2.05 19.18 1.12
CA VAL B 110 1.04 20.04 0.51
C VAL B 110 0.86 21.27 1.40
N ILE B 111 0.81 22.43 0.77
CA ILE B 111 0.45 23.67 1.46
C ILE B 111 -0.79 24.21 0.77
N LEU B 112 -1.90 24.25 1.50
CA LEU B 112 -3.16 24.78 0.99
C LEU B 112 -3.37 26.15 1.62
N GLU B 113 -3.31 27.19 0.80
CA GLU B 113 -3.53 28.56 1.23
C GLU B 113 -4.84 29.04 0.61
N PHE B 114 -5.61 29.78 1.39
CA PHE B 114 -6.86 30.36 0.94
C PHE B 114 -6.69 31.87 0.95
N VAL B 115 -6.64 32.47 -0.24
CA VAL B 115 -6.54 33.91 -0.38
C VAL B 115 -7.94 34.48 -0.50
N SER B 116 -8.28 35.37 0.42
CA SER B 116 -9.64 35.87 0.53
C SER B 116 -9.87 37.01 -0.46
N GLU B 117 -10.69 36.76 -1.48
CA GLU B 117 -11.18 37.81 -2.36
C GLU B 117 -12.52 38.35 -1.92
N ALA B 118 -13.13 37.76 -0.89
CA ALA B 118 -14.51 38.05 -0.57
C ALA B 118 -14.65 39.38 0.14
N SER B 119 -15.84 39.97 0.02
CA SER B 119 -16.18 41.17 0.75
C SER B 119 -16.29 40.86 2.24
N SER B 120 -15.88 41.82 3.06
CA SER B 120 -15.99 41.64 4.51
C SER B 120 -17.43 41.65 4.98
N GLN B 121 -18.37 42.02 4.14
CA GLN B 121 -19.78 42.04 4.49
C GLN B 121 -20.53 40.82 3.97
N ASN B 122 -19.84 39.70 3.83
CA ASN B 122 -20.44 38.42 3.46
C ASN B 122 -19.97 37.35 4.43
N SER B 123 -20.87 36.42 4.75
CA SER B 123 -20.64 35.43 5.79
C SER B 123 -20.40 34.06 5.17
N GLY B 124 -20.01 33.13 6.01
CA GLY B 124 -19.79 31.75 5.62
C GLY B 124 -18.34 31.36 5.79
N SER B 125 -18.04 30.15 5.34
CA SER B 125 -16.69 29.62 5.37
C SER B 125 -16.61 28.45 4.39
N ILE B 126 -15.39 28.08 4.04
CA ILE B 126 -15.13 26.94 3.17
C ILE B 126 -14.53 25.84 4.04
N ALA B 127 -15.29 24.77 4.26
CA ALA B 127 -14.76 23.62 4.98
C ALA B 127 -14.08 22.68 4.00
N TYR B 128 -13.10 21.94 4.49
CA TYR B 128 -12.40 20.99 3.65
C TYR B 128 -12.04 19.74 4.45
N GLU B 129 -11.97 18.62 3.75
CA GLU B 129 -11.64 17.32 4.31
C GLU B 129 -10.57 16.69 3.43
N LEU B 130 -9.48 16.26 4.06
CA LEU B 130 -8.37 15.67 3.33
C LEU B 130 -8.63 14.18 3.20
N ASP B 131 -9.06 13.74 2.02
CA ASP B 131 -9.32 12.34 1.79
C ASP B 131 -8.02 11.66 1.37
N PRO B 132 -7.45 10.80 2.18
CA PRO B 132 -6.13 10.24 1.83
C PRO B 132 -6.20 9.16 0.78
N HIS B 133 -7.23 8.32 0.83
CA HIS B 133 -7.32 7.16 -0.04
C HIS B 133 -8.42 7.27 -1.08
N CYS B 134 -8.90 8.49 -1.33
CA CYS B 134 -9.87 8.75 -2.40
C CYS B 134 -11.09 7.85 -2.31
N LYS B 135 -11.59 7.65 -1.09
CA LYS B 135 -12.80 6.87 -0.88
C LYS B 135 -14.06 7.72 -0.80
N LEU B 136 -13.94 9.03 -0.62
CA LEU B 136 -15.07 9.93 -0.55
C LEU B 136 -15.10 10.81 -1.78
N ASN B 137 -16.28 10.91 -2.41
CA ASN B 137 -16.45 11.78 -3.57
C ASN B 137 -17.16 13.09 -3.23
N SER B 138 -17.78 13.20 -2.06
CA SER B 138 -18.45 14.41 -1.64
C SER B 138 -18.19 14.62 -0.15
N LEU B 139 -18.22 15.88 0.27
CA LEU B 139 -17.83 16.22 1.63
C LEU B 139 -18.81 15.66 2.65
N SER B 140 -18.27 15.18 3.76
CA SER B 140 -19.06 14.74 4.91
C SER B 140 -18.73 15.48 6.20
N SER B 141 -17.45 15.68 6.49
CA SER B 141 -17.01 16.32 7.71
C SER B 141 -16.70 17.79 7.47
N THR B 142 -16.82 18.59 8.54
CA THR B 142 -16.62 20.03 8.44
C THR B 142 -15.83 20.57 9.62
N ILE B 143 -14.90 19.78 10.15
CA ILE B 143 -14.13 20.23 11.32
C ILE B 143 -13.16 21.32 10.92
N ASN B 144 -12.48 21.17 9.78
CA ASN B 144 -11.55 22.16 9.29
C ASN B 144 -12.29 23.16 8.40
N LYS B 145 -11.90 24.43 8.50
CA LYS B 145 -12.59 25.45 7.72
C LYS B 145 -11.73 26.69 7.61
N PHE B 146 -11.89 27.39 6.49
CA PHE B 146 -11.27 28.69 6.24
C PHE B 146 -12.37 29.73 6.17
N GLY B 147 -12.28 30.77 6.99
CA GLY B 147 -13.24 31.86 6.91
C GLY B 147 -13.09 32.60 5.59
N ILE B 148 -14.23 33.00 5.01
CA ILE B 148 -14.19 33.64 3.69
C ILE B 148 -13.65 35.04 3.73
N THR B 149 -13.44 35.62 4.92
CA THR B 149 -12.88 36.95 5.04
C THR B 149 -11.50 36.97 5.67
N LYS B 150 -10.98 35.81 6.07
CA LYS B 150 -9.66 35.72 6.69
C LYS B 150 -8.84 34.71 5.91
N PRO B 151 -7.72 35.13 5.29
CA PRO B 151 -6.92 34.17 4.53
C PRO B 151 -6.39 33.06 5.44
N GLY B 152 -6.36 31.85 4.91
CA GLY B 152 -5.97 30.72 5.73
C GLY B 152 -4.80 29.95 5.18
N LYS B 153 -4.14 29.15 6.01
CA LYS B 153 -3.01 28.34 5.57
C LYS B 153 -3.01 27.03 6.33
N ARG B 154 -2.80 25.93 5.62
CA ARG B 154 -2.75 24.62 6.25
C ARG B 154 -1.71 23.78 5.53
N ALA B 155 -0.74 23.26 6.27
CA ALA B 155 0.32 22.45 5.70
C ALA B 155 0.13 21.01 6.14
N PHE B 156 0.07 20.10 5.17
CA PHE B 156 -0.03 18.68 5.42
C PHE B 156 1.29 18.02 5.02
N THR B 157 1.89 17.30 5.98
CA THR B 157 3.14 16.61 5.74
C THR B 157 2.88 15.30 5.01
N ALA B 158 3.89 14.45 4.92
CA ALA B 158 3.77 13.24 4.10
C ALA B 158 2.75 12.27 4.68
N SER B 159 2.85 11.96 5.98
CA SER B 159 2.03 10.90 6.55
C SER B 159 0.55 11.24 6.49
N TYR B 160 0.20 12.54 6.49
CA TYR B 160 -1.19 12.93 6.40
C TYR B 160 -1.76 12.67 5.02
N ILE B 161 -0.99 12.94 3.98
CA ILE B 161 -1.48 12.87 2.61
C ILE B 161 -1.04 11.60 1.91
N ASN B 162 -0.76 10.53 2.66
CA ASN B 162 -0.51 9.21 2.13
C ASN B 162 0.80 9.11 1.36
N GLY B 163 1.66 10.11 1.48
CA GLY B 163 2.83 10.22 0.62
C GLY B 163 4.09 9.56 1.12
N THR B 164 3.96 8.62 2.06
CA THR B 164 5.14 7.91 2.54
C THR B 164 5.73 7.00 1.46
N GLU B 165 4.87 6.37 0.66
CA GLU B 165 5.26 5.43 -0.37
C GLU B 165 5.12 6.06 -1.75
N TRP B 166 5.34 5.26 -2.78
CA TRP B 166 5.27 5.73 -4.16
C TRP B 166 4.02 5.20 -4.85
N HIS B 167 3.59 5.91 -5.89
CA HIS B 167 2.33 5.62 -6.55
C HIS B 167 2.52 5.59 -8.06
N ASP B 168 1.65 4.85 -8.73
CA ASP B 168 1.62 4.83 -10.19
C ASP B 168 0.91 6.07 -10.69
N VAL B 169 1.44 6.66 -11.76
CA VAL B 169 0.90 7.91 -12.29
C VAL B 169 -0.51 7.76 -12.83
N ALA B 170 -0.99 6.53 -13.01
CA ALA B 170 -2.38 6.29 -13.37
C ALA B 170 -3.28 6.18 -12.16
N GLU B 171 -2.82 6.61 -10.99
CA GLU B 171 -3.55 6.50 -9.74
C GLU B 171 -3.54 7.84 -9.02
N ASP B 172 -4.67 8.21 -8.44
CA ASP B 172 -4.76 9.41 -7.60
C ASP B 172 -4.16 9.10 -6.23
N GLN B 173 -3.20 9.91 -5.80
CA GLN B 173 -2.58 9.68 -4.50
C GLN B 173 -3.56 10.01 -3.37
N PHE B 174 -4.19 11.17 -3.43
CA PHE B 174 -5.17 11.58 -2.43
C PHE B 174 -6.01 12.69 -3.04
N ARG B 175 -6.86 13.30 -2.22
CA ARG B 175 -7.66 14.41 -2.72
C ARG B 175 -8.05 15.30 -1.56
N ILE B 176 -8.48 16.50 -1.89
CA ILE B 176 -8.98 17.47 -0.92
C ILE B 176 -10.40 17.81 -1.33
N LEU B 177 -11.37 17.45 -0.51
CA LEU B 177 -12.74 17.83 -0.77
C LEU B 177 -13.02 19.15 -0.08
N TYR B 178 -13.67 20.06 -0.79
CA TYR B 178 -14.00 21.35 -0.20
C TYR B 178 -15.45 21.68 -0.50
N LYS B 179 -16.09 22.33 0.46
CA LYS B 179 -17.46 22.79 0.29
C LYS B 179 -17.68 24.03 1.13
N GLY B 180 -18.29 25.04 0.53
CA GLY B 180 -18.56 26.27 1.24
C GLY B 180 -20.03 26.43 1.55
N ASN B 181 -20.35 27.14 2.63
CA ASN B 181 -21.73 27.40 2.99
C ASN B 181 -22.13 28.86 2.79
N GLY B 182 -21.26 29.66 2.17
CA GLY B 182 -21.55 31.06 1.94
C GLY B 182 -22.54 31.26 0.82
N SER B 183 -22.65 32.51 0.39
CA SER B 183 -23.56 32.89 -0.68
C SER B 183 -22.94 32.52 -2.03
N SER B 184 -23.52 33.02 -3.11
CA SER B 184 -23.00 32.78 -4.44
C SER B 184 -22.05 33.88 -4.92
N SER B 185 -21.48 34.65 -3.98
CA SER B 185 -20.50 35.66 -4.33
C SER B 185 -19.09 35.07 -4.29
N ILE B 186 -18.19 35.68 -5.05
CA ILE B 186 -16.82 35.19 -5.16
C ILE B 186 -16.14 35.27 -3.80
N ALA B 187 -15.84 34.11 -3.22
CA ALA B 187 -15.36 34.04 -1.84
C ALA B 187 -13.84 34.05 -1.74
N GLY B 188 -13.13 33.65 -2.78
CA GLY B 188 -11.69 33.68 -2.74
C GLY B 188 -11.11 32.63 -3.67
N SER B 189 -9.82 32.37 -3.48
CA SER B 189 -9.08 31.46 -4.33
C SER B 189 -8.25 30.52 -3.47
N PHE B 190 -7.97 29.34 -4.01
CA PHE B 190 -7.10 28.36 -3.38
C PHE B 190 -5.76 28.39 -4.10
N ARG B 191 -4.69 28.65 -3.37
CA ARG B 191 -3.33 28.48 -3.86
C ARG B 191 -2.78 27.20 -3.24
N ILE B 192 -2.52 26.21 -4.07
CA ILE B 192 -2.11 24.90 -3.61
C ILE B 192 -0.68 24.66 -4.07
N THR B 193 0.20 24.35 -3.12
CA THR B 193 1.62 24.18 -3.37
C THR B 193 2.00 22.75 -3.01
N ILE B 194 2.23 21.91 -4.01
CA ILE B 194 2.59 20.52 -3.79
C ILE B 194 4.09 20.37 -3.99
N LYS B 195 4.76 19.88 -2.96
CA LYS B 195 6.18 19.55 -3.03
C LYS B 195 6.25 18.05 -3.25
N CYS B 196 6.68 17.63 -4.44
CA CYS B 196 6.60 16.26 -4.86
C CYS B 196 7.95 15.77 -5.38
N GLN B 197 8.07 14.44 -5.44
CA GLN B 197 9.26 13.77 -5.92
C GLN B 197 8.86 12.74 -6.97
N PHE B 198 9.79 12.41 -7.86
CA PHE B 198 9.50 11.52 -8.97
C PHE B 198 10.60 10.47 -9.10
N HIS B 199 10.27 9.38 -9.79
CA HIS B 199 11.12 8.20 -9.79
C HIS B 199 10.97 7.47 -11.12
N ASN B 200 12.01 6.73 -11.49
CA ASN B 200 11.98 5.83 -12.63
C ASN B 200 11.51 6.53 -13.90
N PRO B 201 12.36 7.34 -14.53
CA PRO B 201 11.92 8.14 -15.67
C PRO B 201 11.32 7.28 -16.78
N LYS B 202 10.20 7.73 -17.32
CA LYS B 202 9.52 7.02 -18.39
C LYS B 202 10.29 7.14 -19.68
N GLY C 62 -1.21 12.47 16.27
CA GLY C 62 -2.52 11.82 16.24
C GLY C 62 -3.04 11.47 17.62
N SER C 63 -3.82 10.40 17.70
CA SER C 63 -4.39 9.93 18.96
C SER C 63 -3.93 8.51 19.21
N SER C 64 -3.35 8.26 20.38
CA SER C 64 -2.84 6.94 20.74
C SER C 64 -3.83 6.28 21.69
N GLU C 65 -4.34 5.12 21.30
CA GLU C 65 -5.31 4.38 22.09
C GLU C 65 -4.79 2.97 22.32
N THR C 66 -5.31 2.32 23.35
CA THR C 66 -4.93 0.96 23.70
C THR C 66 -6.20 0.21 24.10
N PHE C 67 -6.74 -0.57 23.19
CA PHE C 67 -8.00 -1.27 23.40
C PHE C 67 -7.72 -2.71 23.82
N VAL C 68 -8.21 -3.07 25.00
CA VAL C 68 -8.12 -4.43 25.50
C VAL C 68 -9.52 -5.02 25.45
N PHE C 69 -9.70 -6.05 24.65
CA PHE C 69 -10.96 -6.77 24.58
C PHE C 69 -10.68 -8.26 24.67
N SER C 70 -11.72 -9.07 24.55
CA SER C 70 -11.54 -10.51 24.70
C SER C 70 -12.56 -11.25 23.86
N LYS C 71 -12.12 -12.28 23.18
CA LYS C 71 -12.99 -13.28 22.57
C LYS C 71 -13.07 -14.45 23.54
N ASP C 72 -14.25 -14.64 24.13
CA ASP C 72 -14.44 -15.57 25.23
C ASP C 72 -15.17 -16.81 24.74
N ASN C 73 -15.25 -17.79 25.64
CA ASN C 73 -15.93 -19.07 25.39
C ASN C 73 -15.34 -19.75 24.15
N LEU C 74 -14.02 -19.75 24.04
CA LEU C 74 -13.35 -20.45 22.96
C LEU C 74 -13.49 -21.94 23.18
N ALA C 75 -14.36 -22.58 22.41
CA ALA C 75 -14.46 -24.03 22.48
C ALA C 75 -13.15 -24.65 22.02
N GLY C 76 -12.81 -25.79 22.61
CA GLY C 76 -11.57 -26.45 22.28
C GLY C 76 -11.47 -26.89 20.82
N SER C 77 -12.59 -26.92 20.11
CA SER C 77 -12.61 -27.34 18.72
C SER C 77 -13.17 -26.31 17.77
N SER C 78 -13.81 -25.26 18.26
CA SER C 78 -14.35 -24.24 17.38
C SER C 78 -13.23 -23.39 16.80
N SER C 79 -13.31 -23.14 15.49
CA SER C 79 -12.35 -22.32 14.78
C SER C 79 -13.01 -21.05 14.28
N GLY C 80 -12.24 -19.98 14.21
CA GLY C 80 -12.77 -18.71 13.80
C GLY C 80 -11.68 -17.76 13.35
N ALA C 81 -12.06 -16.50 13.20
CA ALA C 81 -11.12 -15.47 12.77
C ALA C 81 -11.58 -14.12 13.29
N ILE C 82 -10.62 -13.31 13.70
CA ILE C 82 -10.88 -11.98 14.25
C ILE C 82 -10.24 -10.96 13.31
N THR C 83 -11.05 -10.17 12.63
CA THR C 83 -10.57 -9.18 11.69
C THR C 83 -10.42 -7.85 12.40
N PHE C 84 -9.20 -7.32 12.44
CA PHE C 84 -8.94 -6.07 13.15
C PHE C 84 -9.16 -4.90 12.20
N GLY C 85 -10.01 -3.98 12.61
CA GLY C 85 -10.38 -2.86 11.77
C GLY C 85 -11.86 -2.60 11.83
N PRO C 86 -12.46 -2.24 10.69
CA PRO C 86 -13.87 -1.84 10.70
C PRO C 86 -14.82 -2.96 11.11
N SER C 87 -14.38 -4.21 11.06
CA SER C 87 -15.24 -5.34 11.34
C SER C 87 -14.95 -5.99 12.69
N LEU C 88 -14.22 -5.31 13.57
CA LEU C 88 -13.86 -5.87 14.87
C LEU C 88 -15.03 -5.72 15.82
N SER C 89 -16.02 -6.61 15.65
CA SER C 89 -17.24 -6.53 16.46
C SER C 89 -16.96 -6.90 17.91
N ASP C 90 -15.91 -7.70 18.17
CA ASP C 90 -15.61 -8.11 19.53
C ASP C 90 -15.16 -6.95 20.40
N CYS C 91 -14.77 -5.83 19.80
CA CYS C 91 -14.36 -4.62 20.52
C CYS C 91 -15.15 -3.46 19.94
N PRO C 92 -16.42 -3.32 20.33
CA PRO C 92 -17.26 -2.29 19.71
C PRO C 92 -16.76 -0.87 19.93
N ALA C 93 -15.95 -0.64 20.96
CA ALA C 93 -15.38 0.68 21.17
C ALA C 93 -14.32 1.03 20.14
N PHE C 94 -13.89 0.06 19.33
CA PHE C 94 -12.88 0.30 18.31
C PHE C 94 -13.48 0.30 16.90
N SER C 95 -14.17 -0.77 16.52
CA SER C 95 -14.70 -0.87 15.17
C SER C 95 -15.72 0.23 14.90
N ASN C 96 -16.72 0.37 15.76
CA ASN C 96 -17.73 1.39 15.63
C ASN C 96 -17.44 2.62 16.48
N GLY C 97 -16.27 2.68 17.09
CA GLY C 97 -15.91 3.78 17.96
C GLY C 97 -15.01 4.78 17.27
N MET C 98 -13.71 4.66 17.50
CA MET C 98 -12.75 5.60 16.92
C MET C 98 -12.82 5.61 15.40
N LEU C 99 -13.11 4.47 14.77
CA LEU C 99 -13.13 4.42 13.32
C LEU C 99 -14.29 5.20 12.72
N LYS C 100 -15.25 5.64 13.53
CA LYS C 100 -16.28 6.55 13.05
C LYS C 100 -15.86 8.01 13.15
N ALA C 101 -14.68 8.30 13.71
CA ALA C 101 -14.26 9.67 13.94
C ALA C 101 -12.83 9.94 13.48
N TYR C 102 -12.25 9.06 12.66
CA TYR C 102 -10.89 9.29 12.18
C TYR C 102 -10.73 8.66 10.81
N HIS C 103 -10.00 9.36 9.94
CA HIS C 103 -9.80 8.90 8.57
C HIS C 103 -8.78 7.78 8.46
N GLU C 104 -7.75 7.79 9.29
CA GLU C 104 -6.64 6.84 9.17
C GLU C 104 -6.29 6.27 10.53
N TYR C 105 -5.99 4.97 10.54
CA TYR C 105 -5.53 4.30 11.74
C TYR C 105 -4.46 3.29 11.36
N LYS C 106 -3.60 2.98 12.31
CA LYS C 106 -2.72 1.83 12.19
C LYS C 106 -2.57 1.20 13.56
N ILE C 107 -2.64 -0.12 13.59
CA ILE C 107 -2.56 -0.87 14.85
C ILE C 107 -1.09 -1.20 15.04
N SER C 108 -0.39 -0.29 15.70
CA SER C 108 1.07 -0.39 15.79
C SER C 108 1.52 -1.58 16.61
N MET C 109 0.68 -2.14 17.47
CA MET C 109 1.12 -3.30 18.23
C MET C 109 -0.08 -4.15 18.61
N VAL C 110 0.12 -5.47 18.65
CA VAL C 110 -0.90 -6.40 19.12
C VAL C 110 -0.29 -7.31 20.16
N ILE C 111 -1.02 -7.56 21.25
CA ILE C 111 -0.64 -8.52 22.26
C ILE C 111 -1.79 -9.49 22.42
N LEU C 112 -1.63 -10.70 21.92
CA LEU C 112 -2.64 -11.75 22.01
C LEU C 112 -2.24 -12.67 23.15
N GLU C 113 -3.15 -12.86 24.10
CA GLU C 113 -2.89 -13.70 25.25
C GLU C 113 -3.99 -14.73 25.36
N PHE C 114 -3.63 -15.95 25.74
CA PHE C 114 -4.59 -17.01 25.95
C PHE C 114 -4.68 -17.27 27.45
N VAL C 115 -5.83 -16.93 28.04
CA VAL C 115 -6.10 -17.20 29.44
C VAL C 115 -6.98 -18.44 29.49
N SER C 116 -6.46 -19.50 30.09
CA SER C 116 -7.06 -20.81 30.00
C SER C 116 -8.07 -21.04 31.13
N GLU C 117 -9.27 -21.48 30.75
CA GLU C 117 -10.27 -21.95 31.70
C GLU C 117 -10.36 -23.47 31.72
N ALA C 118 -9.42 -24.16 31.09
CA ALA C 118 -9.50 -25.60 30.93
C ALA C 118 -8.88 -26.33 32.11
N SER C 119 -9.38 -27.54 32.35
CA SER C 119 -8.88 -28.38 33.42
C SER C 119 -7.57 -29.04 33.01
N SER C 120 -6.95 -29.72 33.96
CA SER C 120 -5.69 -30.41 33.69
C SER C 120 -5.86 -31.61 32.76
N GLN C 121 -7.08 -32.12 32.62
CA GLN C 121 -7.32 -33.34 31.86
C GLN C 121 -7.60 -33.08 30.39
N ASN C 122 -7.73 -31.83 29.97
CA ASN C 122 -8.06 -31.51 28.59
C ASN C 122 -6.79 -31.53 27.74
N SER C 123 -6.83 -32.31 26.66
CA SER C 123 -5.69 -32.47 25.76
C SER C 123 -6.03 -31.81 24.43
N GLY C 124 -5.24 -30.80 24.06
CA GLY C 124 -5.44 -30.12 22.81
C GLY C 124 -4.67 -28.83 22.79
N SER C 125 -4.86 -28.07 21.72
CA SER C 125 -4.19 -26.80 21.55
C SER C 125 -5.03 -25.94 20.62
N ILE C 126 -4.71 -24.65 20.60
CA ILE C 126 -5.34 -23.69 19.70
C ILE C 126 -4.24 -23.11 18.83
N ALA C 127 -4.27 -23.44 17.54
CA ALA C 127 -3.29 -22.91 16.60
C ALA C 127 -3.79 -21.58 16.06
N TYR C 128 -2.98 -20.55 16.18
CA TYR C 128 -3.33 -19.21 15.77
C TYR C 128 -2.39 -18.76 14.66
N GLU C 129 -2.97 -18.34 13.54
CA GLU C 129 -2.25 -17.80 12.41
C GLU C 129 -2.56 -16.33 12.26
N LEU C 130 -1.56 -15.56 11.86
CA LEU C 130 -1.69 -14.12 11.69
C LEU C 130 -1.68 -13.81 10.21
N ASP C 131 -2.81 -13.39 9.66
CA ASP C 131 -2.88 -13.04 8.25
C ASP C 131 -2.80 -11.53 8.12
N PRO C 132 -1.68 -10.97 7.65
CA PRO C 132 -1.54 -9.52 7.61
C PRO C 132 -2.25 -8.84 6.46
N HIS C 133 -3.07 -9.56 5.68
CA HIS C 133 -3.74 -8.93 4.55
C HIS C 133 -5.19 -9.40 4.38
N CYS C 134 -5.73 -10.19 5.32
CA CYS C 134 -7.13 -10.61 5.30
C CYS C 134 -7.48 -11.41 4.06
N LYS C 135 -6.49 -12.01 3.41
CA LYS C 135 -6.71 -12.80 2.21
C LYS C 135 -6.93 -14.27 2.49
N LEU C 136 -6.90 -14.69 3.75
CA LEU C 136 -7.26 -16.03 4.16
C LEU C 136 -8.53 -15.97 5.01
N ASN C 137 -9.43 -16.92 4.80
CA ASN C 137 -10.69 -16.95 5.52
C ASN C 137 -10.76 -18.04 6.58
N SER C 138 -9.94 -19.08 6.46
CA SER C 138 -9.85 -20.14 7.45
C SER C 138 -8.39 -20.41 7.74
N LEU C 139 -8.12 -21.19 8.79
CA LEU C 139 -6.75 -21.51 9.15
C LEU C 139 -6.09 -22.32 8.05
N SER C 140 -4.81 -22.06 7.83
CA SER C 140 -4.02 -22.82 6.85
C SER C 140 -2.82 -23.51 7.48
N SER C 141 -2.12 -22.85 8.39
CA SER C 141 -0.92 -23.39 9.01
C SER C 141 -1.17 -23.68 10.49
N THR C 142 -0.33 -24.52 11.06
CA THR C 142 -0.50 -24.95 12.45
C THR C 142 0.84 -24.96 13.17
N ILE C 143 1.69 -23.95 12.91
CA ILE C 143 2.98 -23.86 13.58
C ILE C 143 2.83 -23.21 14.94
N ASN C 144 2.39 -21.95 14.97
CA ASN C 144 2.11 -21.29 16.22
C ASN C 144 0.91 -21.92 16.90
N LYS C 145 1.01 -22.16 18.21
CA LYS C 145 -0.13 -22.68 18.93
C LYS C 145 0.02 -22.41 20.42
N PHE C 146 -1.10 -22.43 21.12
CA PHE C 146 -1.20 -22.28 22.55
C PHE C 146 -1.75 -23.56 23.15
N GLY C 147 -1.17 -24.01 24.26
CA GLY C 147 -1.78 -25.09 25.02
C GLY C 147 -3.09 -24.63 25.61
N ILE C 148 -4.16 -25.40 25.39
CA ILE C 148 -5.47 -24.99 25.86
C ILE C 148 -5.58 -25.04 27.38
N THR C 149 -4.62 -25.64 28.06
CA THR C 149 -4.62 -25.71 29.51
C THR C 149 -3.58 -24.83 30.16
N LYS C 150 -2.81 -24.08 29.38
CA LYS C 150 -1.73 -23.25 29.91
C LYS C 150 -1.83 -21.86 29.29
N PRO C 151 -1.88 -20.80 30.12
CA PRO C 151 -1.92 -19.45 29.57
C PRO C 151 -0.67 -19.13 28.77
N GLY C 152 -0.85 -18.38 27.69
CA GLY C 152 0.25 -18.04 26.82
C GLY C 152 0.16 -16.60 26.38
N LYS C 153 1.27 -16.10 25.83
CA LYS C 153 1.35 -14.71 25.42
C LYS C 153 2.08 -14.63 24.09
N ARG C 154 1.74 -13.63 23.28
CA ARG C 154 2.37 -13.47 21.98
C ARG C 154 2.20 -12.03 21.52
N ALA C 155 3.32 -11.35 21.25
CA ALA C 155 3.30 -9.96 20.86
C ALA C 155 3.74 -9.81 19.42
N PHE C 156 2.91 -9.17 18.61
CA PHE C 156 3.22 -8.84 17.23
C PHE C 156 3.51 -7.34 17.13
N THR C 157 4.65 -7.02 16.54
CA THR C 157 5.08 -5.64 16.37
C THR C 157 4.46 -5.07 15.10
N ALA C 158 4.95 -3.91 14.66
CA ALA C 158 4.32 -3.18 13.57
C ALA C 158 4.42 -3.93 12.25
N SER C 159 5.62 -4.37 11.89
CA SER C 159 5.83 -4.94 10.56
C SER C 159 5.04 -6.23 10.37
N TYR C 160 4.99 -7.07 11.41
CA TYR C 160 4.36 -8.38 11.30
C TYR C 160 2.86 -8.28 10.99
N ILE C 161 2.24 -7.14 11.25
CA ILE C 161 0.79 -7.03 11.15
C ILE C 161 0.38 -5.90 10.22
N ASN C 162 1.22 -5.57 9.24
CA ASN C 162 0.91 -4.54 8.27
C ASN C 162 0.68 -3.19 8.96
N GLY C 163 1.36 -2.98 10.08
CA GLY C 163 1.11 -1.81 10.90
C GLY C 163 2.10 -0.68 10.76
N THR C 164 2.85 -0.66 9.66
CA THR C 164 3.80 0.42 9.42
C THR C 164 3.24 1.51 8.51
N GLU C 165 2.05 1.32 7.96
CA GLU C 165 1.45 2.29 7.05
C GLU C 165 -0.01 2.51 7.43
N TRP C 166 -0.41 3.77 7.45
CA TRP C 166 -1.78 4.10 7.83
C TRP C 166 -2.77 3.52 6.83
N HIS C 167 -3.91 3.06 7.35
CA HIS C 167 -4.98 2.52 6.52
C HIS C 167 -6.25 3.33 6.72
N ASP C 168 -6.93 3.61 5.62
CA ASP C 168 -8.24 4.25 5.73
C ASP C 168 -9.21 3.34 6.45
N VAL C 169 -10.15 3.94 7.18
CA VAL C 169 -11.02 3.21 8.07
C VAL C 169 -11.96 2.25 7.35
N ALA C 170 -12.04 2.31 6.03
CA ALA C 170 -12.91 1.42 5.28
C ALA C 170 -12.24 0.11 4.89
N GLU C 171 -11.00 -0.12 5.34
CA GLU C 171 -10.27 -1.32 4.98
C GLU C 171 -9.77 -2.02 6.23
N ASP C 172 -9.62 -3.34 6.14
CA ASP C 172 -9.20 -4.17 7.26
C ASP C 172 -7.67 -4.22 7.30
N GLN C 173 -7.10 -3.98 8.48
CA GLN C 173 -5.64 -3.99 8.59
C GLN C 173 -5.08 -5.40 8.47
N PHE C 174 -5.64 -6.34 9.21
CA PHE C 174 -5.17 -7.72 9.24
C PHE C 174 -6.22 -8.54 9.97
N ARG C 175 -5.89 -9.82 10.17
CA ARG C 175 -6.78 -10.68 10.93
C ARG C 175 -5.97 -11.77 11.61
N ILE C 176 -6.59 -12.40 12.60
CA ILE C 176 -5.98 -13.49 13.35
C ILE C 176 -6.94 -14.66 13.26
N LEU C 177 -6.56 -15.69 12.53
CA LEU C 177 -7.36 -16.91 12.45
C LEU C 177 -6.91 -17.86 13.54
N TYR C 178 -7.81 -18.72 13.98
CA TYR C 178 -7.48 -19.66 15.02
C TYR C 178 -8.32 -20.91 14.85
N LYS C 179 -7.78 -22.03 15.31
CA LYS C 179 -8.45 -23.32 15.19
C LYS C 179 -7.97 -24.21 16.33
N GLY C 180 -8.91 -24.72 17.13
CA GLY C 180 -8.57 -25.62 18.22
C GLY C 180 -8.77 -27.06 17.78
N ASN C 181 -7.81 -27.91 18.15
CA ASN C 181 -7.87 -29.33 17.83
C ASN C 181 -8.22 -30.17 19.05
N GLY C 182 -8.83 -29.58 20.05
CA GLY C 182 -9.25 -30.29 21.25
C GLY C 182 -10.65 -30.85 21.12
N SER C 183 -11.32 -30.95 22.26
CA SER C 183 -12.70 -31.41 22.33
C SER C 183 -13.64 -30.22 22.20
N SER C 184 -14.92 -30.43 22.47
CA SER C 184 -15.92 -29.37 22.37
C SER C 184 -16.12 -28.61 23.67
N SER C 185 -15.42 -28.96 24.74
CA SER C 185 -15.56 -28.24 25.99
C SER C 185 -14.89 -26.87 25.87
N ILE C 186 -15.15 -26.03 26.89
CA ILE C 186 -14.53 -24.70 26.92
C ILE C 186 -13.03 -24.85 27.12
N ALA C 187 -12.27 -24.06 26.36
CA ALA C 187 -10.81 -24.11 26.40
C ALA C 187 -10.19 -22.87 27.05
N GLY C 188 -10.73 -21.69 26.79
CA GLY C 188 -10.14 -20.49 27.35
C GLY C 188 -10.72 -19.24 26.72
N SER C 189 -9.91 -18.18 26.73
CA SER C 189 -10.35 -16.91 26.18
C SER C 189 -9.14 -16.12 25.69
N PHE C 190 -9.31 -15.46 24.56
CA PHE C 190 -8.29 -14.60 23.99
C PHE C 190 -8.44 -13.19 24.55
N ARG C 191 -7.44 -12.74 25.29
CA ARG C 191 -7.33 -11.37 25.74
C ARG C 191 -6.43 -10.64 24.76
N ILE C 192 -7.00 -9.75 23.96
CA ILE C 192 -6.28 -9.09 22.88
C ILE C 192 -6.16 -7.62 23.21
N THR C 193 -4.93 -7.12 23.25
CA THR C 193 -4.64 -5.72 23.53
C THR C 193 -4.00 -5.12 22.29
N ILE C 194 -4.71 -4.23 21.62
CA ILE C 194 -4.21 -3.58 20.41
C ILE C 194 -3.86 -2.14 20.74
N LYS C 195 -2.62 -1.76 20.49
CA LYS C 195 -2.17 -0.39 20.67
C LYS C 195 -2.13 0.27 19.30
N CYS C 196 -3.00 1.26 19.10
CA CYS C 196 -3.29 1.86 17.81
C CYS C 196 -3.10 3.36 17.86
N GLN C 197 -3.00 3.95 16.68
CA GLN C 197 -2.88 5.40 16.52
C GLN C 197 -3.84 5.85 15.43
N PHE C 198 -4.34 7.07 15.56
CA PHE C 198 -5.35 7.60 14.66
C PHE C 198 -4.96 8.99 14.19
N HIS C 199 -5.49 9.37 13.03
CA HIS C 199 -5.09 10.57 12.32
C HIS C 199 -6.31 11.21 11.68
N ASN C 200 -6.16 12.48 11.30
CA ASN C 200 -7.13 13.18 10.47
C ASN C 200 -8.53 13.09 11.05
N PRO C 201 -8.82 13.81 12.13
CA PRO C 201 -10.13 13.65 12.80
C PRO C 201 -11.29 14.04 11.90
N LYS C 202 -12.42 13.37 12.13
CA LYS C 202 -13.65 13.70 11.43
C LYS C 202 -14.61 14.45 12.34
#